data_7KIV
#
_entry.id   7KIV
#
_cell.length_a   67.878
_cell.length_b   80.073
_cell.length_c   87.793
_cell.angle_alpha   90.000
_cell.angle_beta   90.000
_cell.angle_gamma   90.000
#
_symmetry.space_group_name_H-M   'P 21 21 21'
#
loop_
_entity.id
_entity.type
_entity.pdbx_description
1 polymer 'Peptidoglycan D,D-transpeptidase FtsI'
2 non-polymer (2S,5R)-1-formyl-5-[(sulfooxy)amino]piperidine-2-carboxamide
3 water water
#
_entity_poly.entity_id   1
_entity_poly.type   'polypeptide(L)'
_entity_poly.pdbx_seq_one_letter_code
;MKLNYFQGALYPWRFCVIVGLLLAMVGAIVWRIVDLHVIDHDFLKGQGDARSVRHIAIPAHRGLITDRNGEPLAVSTPVT
TLWANPKELMTAKERWPQLAAALGQDTKLFADRIEQNAEREFIYLVRGLTPEQGEGVIALKVPGVYSIEEFRRFYPAGEV
VAHAVGFTDVDDRGREGIELAFDEWLAGVPGKRQVLKDRRGRVIKDVQVTKNAKPGKTLALSIDLRLQYLAHRELRNALL
ENGAKAGSLVIMDVKTGEILAMTNQPTYNPNNRRNLQPAAMRNRAMIDVFEPGSTVKPFSMSAALASGRWKPSDIVDVYP
GTLQIGRYTIRDVSRNSRQLDLTGILIKSSNVGISKIAFDIGAESIYSVMQQVGLGQDTGLGFPGERVGNLPNHRKWPKA
ETATLAYGYGLSVTAIQLAHAYAALANDGKSVPLSMTRVDRVPDGVQVISPEVASTVQGMLQQVVEAQGGVFRAQVPGYH
AAGKSGTARKVSVGTKGYRENAYRSLFAGFAPATDPRIAMVVVIDEPSKAGYFGGLVSAPVFSKVMAGALRLMNVPPDNL
PTATEQQQVNAAPAKGGRG
;
_entity_poly.pdbx_strand_id   A
#
loop_
_chem_comp.id
_chem_comp.type
_chem_comp.name
_chem_comp.formula
NXL non-polymer (2S,5R)-1-formyl-5-[(sulfooxy)amino]piperidine-2-carboxamide 'C7 H13 N3 O6 S'
#
# COMPACT_ATOMS: atom_id res chain seq x y z
N ALA A 57 19.39 -31.51 -4.84
CA ALA A 57 18.27 -30.67 -4.41
C ALA A 57 17.18 -30.60 -5.48
N ILE A 58 16.05 -31.27 -5.24
CA ILE A 58 14.94 -31.30 -6.17
C ILE A 58 13.98 -30.16 -5.80
N PRO A 59 13.92 -29.08 -6.58
CA PRO A 59 13.13 -27.91 -6.16
C PRO A 59 11.64 -28.22 -6.07
N ALA A 60 10.98 -27.56 -5.12
CA ALA A 60 9.56 -27.80 -4.86
C ALA A 60 8.69 -26.83 -5.65
N HIS A 61 7.55 -27.34 -6.11
CA HIS A 61 6.49 -26.49 -6.65
C HIS A 61 6.08 -25.43 -5.63
N ARG A 62 5.99 -24.18 -6.08
CA ARG A 62 5.76 -23.06 -5.18
C ARG A 62 4.27 -22.74 -5.09
N GLY A 63 3.82 -22.40 -3.87
CA GLY A 63 2.39 -22.21 -3.64
C GLY A 63 1.80 -21.14 -4.55
N LEU A 64 0.60 -21.42 -5.05
CA LEU A 64 -0.09 -20.43 -5.86
C LEU A 64 -0.57 -19.26 -5.00
N ILE A 65 -0.25 -18.03 -5.43
CA ILE A 65 -0.85 -16.82 -4.88
C ILE A 65 -2.05 -16.44 -5.75
N THR A 66 -3.22 -16.33 -5.14
CA THR A 66 -4.38 -15.81 -5.83
C THR A 66 -4.81 -14.53 -5.13
N ASP A 67 -5.77 -13.84 -5.75
CA ASP A 67 -6.43 -12.75 -5.07
C ASP A 67 -7.51 -13.36 -4.16
N ARG A 68 -8.30 -12.48 -3.52
CA ARG A 68 -9.30 -12.94 -2.55
C ARG A 68 -10.38 -13.81 -3.19
N ASN A 69 -10.54 -13.73 -4.51
CA ASN A 69 -11.57 -14.45 -5.24
C ASN A 69 -10.99 -15.58 -6.07
N GLY A 70 -9.69 -15.85 -5.97
CA GLY A 70 -9.09 -16.96 -6.69
C GLY A 70 -8.42 -16.60 -8.01
N GLU A 71 -8.43 -15.34 -8.41
CA GLU A 71 -7.73 -14.97 -9.63
C GLU A 71 -6.23 -15.16 -9.44
N PRO A 72 -5.54 -15.81 -10.38
CA PRO A 72 -4.11 -16.13 -10.17
C PRO A 72 -3.23 -14.89 -10.27
N LEU A 73 -2.33 -14.72 -9.30
CA LEU A 73 -1.42 -13.58 -9.27
C LEU A 73 0.06 -13.98 -9.35
N ALA A 74 0.41 -15.17 -8.87
CA ALA A 74 1.76 -15.68 -9.03
C ALA A 74 1.66 -17.18 -9.21
N VAL A 75 2.20 -17.70 -10.31
CA VAL A 75 2.00 -19.09 -10.70
C VAL A 75 3.36 -19.75 -10.89
N SER A 76 3.60 -20.80 -10.12
CA SER A 76 4.79 -21.62 -10.30
C SER A 76 4.63 -22.49 -11.54
N THR A 77 5.45 -22.23 -12.56
CA THR A 77 5.30 -22.89 -13.84
C THR A 77 6.54 -23.71 -14.18
N PRO A 78 6.38 -24.98 -14.56
CA PRO A 78 7.56 -25.84 -14.77
C PRO A 78 8.41 -25.35 -15.93
N VAL A 79 9.71 -25.29 -15.69
CA VAL A 79 10.72 -24.94 -16.68
C VAL A 79 11.80 -26.00 -16.64
N THR A 80 12.62 -26.03 -17.69
CA THR A 80 13.75 -26.95 -17.78
C THR A 80 15.06 -26.16 -17.68
N THR A 81 15.89 -26.54 -16.73
CA THR A 81 17.26 -26.06 -16.63
C THR A 81 18.21 -27.12 -17.19
N LEU A 82 19.15 -26.69 -18.02
CA LEU A 82 20.21 -27.56 -18.50
C LEU A 82 21.48 -27.20 -17.74
N TRP A 83 22.08 -28.19 -17.12
CA TRP A 83 23.34 -28.05 -16.44
C TRP A 83 24.35 -28.98 -17.10
N ALA A 84 25.61 -28.83 -16.73
CA ALA A 84 26.60 -29.66 -17.40
C ALA A 84 27.74 -29.94 -16.43
N ASN A 85 28.26 -31.15 -16.54
CA ASN A 85 29.49 -31.61 -15.92
C ASN A 85 30.64 -31.15 -16.82
N PRO A 86 31.48 -30.21 -16.35
CA PRO A 86 32.61 -29.75 -17.18
C PRO A 86 33.59 -30.86 -17.52
N LYS A 87 33.90 -31.73 -16.55
CA LYS A 87 34.84 -32.82 -16.77
C LYS A 87 34.35 -33.71 -17.91
N GLU A 88 33.06 -34.03 -17.92
CA GLU A 88 32.48 -34.80 -19.01
C GLU A 88 32.47 -34.02 -20.32
N LEU A 89 32.45 -32.68 -20.24
CA LEU A 89 32.35 -31.86 -21.44
C LEU A 89 33.68 -31.73 -22.17
N MET A 90 34.80 -31.74 -21.45
CA MET A 90 36.11 -31.74 -22.08
C MET A 90 36.29 -32.94 -23.00
N THR A 91 35.41 -33.94 -22.87
CA THR A 91 35.42 -35.15 -23.68
C THR A 91 34.81 -34.93 -25.06
N ALA A 92 33.67 -34.22 -25.12
CA ALA A 92 32.89 -34.06 -26.34
C ALA A 92 33.05 -32.65 -26.90
N LYS A 93 34.30 -32.23 -27.03
CA LYS A 93 34.62 -30.82 -27.14
C LYS A 93 34.38 -30.28 -28.54
N GLU A 94 34.34 -31.16 -29.54
CA GLU A 94 33.88 -30.73 -30.85
C GLU A 94 32.37 -30.53 -30.89
N ARG A 95 31.67 -30.87 -29.80
CA ARG A 95 30.24 -30.58 -29.70
C ARG A 95 29.95 -29.20 -29.10
N TRP A 96 30.92 -28.57 -28.45
CA TRP A 96 30.68 -27.28 -27.81
C TRP A 96 30.03 -26.25 -28.73
N PRO A 97 30.55 -25.96 -29.94
CA PRO A 97 29.93 -24.91 -30.77
C PRO A 97 28.45 -25.15 -31.04
N GLN A 98 28.04 -26.41 -31.17
CA GLN A 98 26.62 -26.72 -31.39
C GLN A 98 25.81 -26.49 -30.12
N LEU A 99 26.39 -26.84 -28.98
CA LEU A 99 25.78 -26.56 -27.69
C LEU A 99 25.68 -25.05 -27.47
N ALA A 100 26.81 -24.35 -27.59
CA ALA A 100 26.85 -22.90 -27.52
C ALA A 100 25.81 -22.26 -28.45
N ALA A 101 25.77 -22.69 -29.72
CA ALA A 101 24.82 -22.14 -30.67
C ALA A 101 23.37 -22.32 -30.18
N ALA A 102 23.01 -23.54 -29.80
CA ALA A 102 21.66 -23.82 -29.33
C ALA A 102 21.37 -23.20 -27.96
N LEU A 103 22.39 -22.67 -27.28
CA LEU A 103 22.19 -21.90 -26.06
C LEU A 103 22.19 -20.39 -26.31
N GLY A 104 22.39 -19.97 -27.56
CA GLY A 104 22.54 -18.57 -27.87
C GLY A 104 23.81 -17.93 -27.36
N GLN A 105 24.81 -18.73 -26.99
CA GLN A 105 26.03 -18.20 -26.39
C GLN A 105 27.18 -18.22 -27.39
N ASP A 106 28.01 -17.19 -27.33
CA ASP A 106 29.15 -17.09 -28.22
C ASP A 106 30.10 -18.26 -28.02
N THR A 107 30.56 -18.84 -29.14
CA THR A 107 31.35 -20.07 -29.11
C THR A 107 32.60 -19.92 -28.26
N LYS A 108 33.29 -18.79 -28.37
CA LYS A 108 34.52 -18.61 -27.60
C LYS A 108 34.24 -18.25 -26.15
N LEU A 109 33.19 -17.46 -25.89
CA LEU A 109 32.78 -17.22 -24.51
C LEU A 109 32.36 -18.53 -23.86
N PHE A 110 31.54 -19.33 -24.56
CA PHE A 110 31.13 -20.63 -24.06
C PHE A 110 32.33 -21.53 -23.79
N ALA A 111 33.29 -21.58 -24.73
CA ALA A 111 34.48 -22.40 -24.54
C ALA A 111 35.32 -21.89 -23.38
N ASP A 112 35.42 -20.58 -23.21
CA ASP A 112 36.19 -20.02 -22.09
C ASP A 112 35.61 -20.44 -20.75
N ARG A 113 34.29 -20.34 -20.59
CA ARG A 113 33.66 -20.76 -19.33
C ARG A 113 33.99 -22.21 -19.01
N ILE A 114 33.73 -23.13 -19.95
CA ILE A 114 33.99 -24.54 -19.70
C ILE A 114 35.46 -24.75 -19.35
N GLU A 115 36.36 -24.13 -20.11
CA GLU A 115 37.79 -24.26 -19.82
C GLU A 115 38.11 -23.71 -18.44
N GLN A 116 37.49 -22.60 -18.06
CA GLN A 116 37.74 -21.98 -16.76
C GLN A 116 37.28 -22.88 -15.61
N ASN A 117 36.13 -23.52 -15.76
CA ASN A 117 35.61 -24.42 -14.73
C ASN A 117 36.00 -25.86 -14.98
N ALA A 118 37.22 -26.10 -15.49
CA ALA A 118 37.64 -27.46 -15.81
C ALA A 118 37.76 -28.34 -14.57
N GLU A 119 38.14 -27.75 -13.44
CA GLU A 119 38.15 -28.46 -12.16
C GLU A 119 36.74 -28.94 -11.79
N ARG A 120 35.78 -28.01 -11.73
CA ARG A 120 34.44 -28.24 -11.19
C ARG A 120 33.72 -29.38 -11.91
N GLU A 121 32.60 -29.80 -11.31
CA GLU A 121 31.79 -30.90 -11.81
C GLU A 121 30.34 -30.50 -12.03
N PHE A 122 29.98 -29.25 -11.74
CA PHE A 122 28.60 -28.81 -11.93
C PHE A 122 28.61 -27.33 -12.27
N ILE A 123 28.04 -26.97 -13.43
CA ILE A 123 27.80 -25.59 -13.81
C ILE A 123 26.46 -25.52 -14.52
N TYR A 124 25.85 -24.33 -14.49
CA TYR A 124 24.62 -24.06 -15.21
C TYR A 124 24.92 -23.62 -16.65
N LEU A 125 24.15 -24.15 -17.59
CA LEU A 125 24.16 -23.68 -18.97
C LEU A 125 23.07 -22.64 -19.22
N VAL A 126 21.84 -22.93 -18.83
CA VAL A 126 20.72 -22.02 -19.00
C VAL A 126 19.63 -22.42 -18.02
N ARG A 127 19.03 -21.42 -17.36
CA ARG A 127 17.97 -21.63 -16.39
C ARG A 127 16.64 -21.17 -16.98
N GLY A 128 15.62 -21.98 -16.83
CA GLY A 128 14.26 -21.52 -17.07
C GLY A 128 13.70 -21.71 -18.46
N LEU A 129 14.36 -22.48 -19.33
CA LEU A 129 13.79 -22.76 -20.65
C LEU A 129 12.42 -23.43 -20.53
N THR A 130 11.62 -23.30 -21.59
CA THR A 130 10.38 -24.06 -21.63
C THR A 130 10.71 -25.54 -21.86
N PRO A 131 9.84 -26.45 -21.41
CA PRO A 131 10.19 -27.89 -21.44
C PRO A 131 10.53 -28.46 -22.82
N GLU A 132 10.31 -27.76 -23.94
CA GLU A 132 10.77 -28.28 -25.23
C GLU A 132 11.91 -27.48 -25.83
N GLN A 133 12.30 -26.37 -25.21
CA GLN A 133 13.60 -25.81 -25.55
C GLN A 133 14.72 -26.63 -24.91
N GLY A 134 14.58 -26.94 -23.62
CA GLY A 134 15.52 -27.86 -22.99
C GLY A 134 15.44 -29.26 -23.57
N GLU A 135 14.24 -29.65 -24.03
CA GLU A 135 14.08 -30.92 -24.72
C GLU A 135 14.86 -30.95 -26.03
N GLY A 136 14.86 -29.82 -26.75
CA GLY A 136 15.64 -29.73 -27.98
C GLY A 136 17.13 -29.80 -27.71
N VAL A 137 17.59 -29.23 -26.61
CA VAL A 137 19.02 -29.21 -26.31
C VAL A 137 19.52 -30.63 -26.00
N ILE A 138 18.95 -31.26 -24.95
CA ILE A 138 19.40 -32.60 -24.59
C ILE A 138 19.15 -33.59 -25.71
N ALA A 139 18.20 -33.29 -26.61
CA ALA A 139 18.02 -34.09 -27.81
C ALA A 139 19.22 -34.00 -28.76
N LEU A 140 20.15 -33.08 -28.53
CA LEU A 140 21.40 -33.03 -29.28
C LEU A 140 22.45 -34.01 -28.73
N LYS A 141 22.17 -34.66 -27.60
CA LYS A 141 22.95 -35.80 -27.11
C LYS A 141 24.39 -35.41 -26.76
N VAL A 142 24.57 -34.25 -26.14
CA VAL A 142 25.93 -33.84 -25.78
C VAL A 142 26.35 -34.57 -24.51
N PRO A 143 27.50 -35.25 -24.50
CA PRO A 143 27.99 -35.87 -23.26
C PRO A 143 28.23 -34.85 -22.15
N GLY A 144 27.63 -35.12 -20.99
CA GLY A 144 27.81 -34.29 -19.81
C GLY A 144 26.76 -33.21 -19.64
N VAL A 145 25.72 -33.20 -20.46
CA VAL A 145 24.74 -32.12 -20.45
C VAL A 145 23.39 -32.74 -20.11
N TYR A 146 22.87 -32.42 -18.91
CA TYR A 146 21.74 -33.12 -18.32
C TYR A 146 20.51 -32.24 -18.13
N SER A 147 19.70 -32.52 -17.10
CA SER A 147 18.46 -31.79 -16.87
C SER A 147 18.20 -31.67 -15.38
N ILE A 148 17.65 -30.53 -14.98
CA ILE A 148 17.09 -30.30 -13.65
C ILE A 148 15.73 -29.63 -13.85
N GLU A 149 14.69 -30.20 -13.23
CA GLU A 149 13.32 -29.75 -13.45
C GLU A 149 12.93 -28.76 -12.36
N GLU A 150 12.91 -27.48 -12.74
CA GLU A 150 12.67 -26.37 -11.83
C GLU A 150 11.29 -25.79 -12.05
N PHE A 151 10.99 -24.71 -11.33
CA PHE A 151 9.76 -23.96 -11.51
C PHE A 151 10.10 -22.48 -11.61
N ARG A 152 9.51 -21.80 -12.60
CA ARG A 152 9.59 -20.36 -12.70
C ARG A 152 8.25 -19.72 -12.34
N ARG A 153 8.32 -18.54 -11.74
CA ARG A 153 7.14 -17.76 -11.37
C ARG A 153 6.70 -16.90 -12.55
N PHE A 154 5.40 -16.91 -12.82
CA PHE A 154 4.80 -15.93 -13.72
C PHE A 154 3.65 -15.20 -13.01
N TYR A 155 3.50 -13.93 -13.35
CA TYR A 155 2.65 -12.98 -12.64
C TYR A 155 1.60 -12.52 -13.63
N PRO A 156 0.46 -13.21 -13.70
CA PRO A 156 -0.48 -12.93 -14.80
C PRO A 156 -1.05 -11.52 -14.75
N ALA A 157 -1.26 -10.96 -13.55
CA ALA A 157 -1.78 -9.61 -13.46
C ALA A 157 -0.71 -8.56 -13.68
N GLY A 158 0.56 -8.99 -13.74
CA GLY A 158 1.64 -8.10 -14.13
C GLY A 158 1.78 -6.89 -13.22
N GLU A 159 1.92 -5.71 -13.85
CA GLU A 159 2.23 -4.49 -13.12
C GLU A 159 1.06 -3.98 -12.31
N VAL A 160 -0.16 -4.50 -12.53
CA VAL A 160 -1.32 -4.06 -11.76
C VAL A 160 -1.10 -4.31 -10.26
N VAL A 161 -0.51 -5.44 -9.90
CA VAL A 161 -0.34 -5.81 -8.49
C VAL A 161 1.13 -6.04 -8.13
N ALA A 162 2.04 -5.37 -8.85
CA ALA A 162 3.46 -5.74 -8.75
C ALA A 162 3.99 -5.58 -7.33
N HIS A 163 3.73 -4.41 -6.70
CA HIS A 163 4.32 -4.13 -5.40
C HIS A 163 3.75 -5.03 -4.33
N ALA A 164 2.43 -5.27 -4.34
CA ALA A 164 1.85 -6.14 -3.33
C ALA A 164 2.40 -7.56 -3.47
N VAL A 165 2.36 -8.12 -4.68
CA VAL A 165 2.73 -9.52 -4.88
C VAL A 165 4.25 -9.70 -4.71
N GLY A 166 5.05 -8.77 -5.25
CA GLY A 166 6.50 -8.99 -5.24
C GLY A 166 6.89 -10.03 -6.27
N PHE A 167 8.05 -10.65 -6.05
CA PHE A 167 8.60 -11.63 -6.99
C PHE A 167 9.71 -12.42 -6.33
N THR A 168 10.16 -13.46 -7.01
CA THR A 168 11.23 -14.34 -6.56
C THR A 168 12.58 -13.96 -7.18
N ASP A 169 13.65 -14.44 -6.55
CA ASP A 169 14.99 -14.32 -7.11
C ASP A 169 15.21 -15.47 -8.10
N VAL A 170 16.41 -15.51 -8.70
CA VAL A 170 16.70 -16.51 -9.73
C VAL A 170 16.49 -17.92 -9.19
N ASP A 171 16.59 -18.11 -7.87
CA ASP A 171 16.44 -19.42 -7.27
C ASP A 171 15.04 -19.66 -6.70
N ASP A 172 14.04 -18.88 -7.13
CA ASP A 172 12.63 -19.09 -6.74
C ASP A 172 12.41 -18.83 -5.25
N ARG A 173 13.24 -17.96 -4.68
CA ARG A 173 13.12 -17.52 -3.30
C ARG A 173 12.50 -16.13 -3.28
N GLY A 174 11.50 -15.93 -2.41
CA GLY A 174 10.83 -14.64 -2.28
C GLY A 174 11.76 -13.46 -2.06
N ARG A 175 11.66 -12.46 -2.94
CA ARG A 175 12.57 -11.31 -2.91
C ARG A 175 11.89 -9.97 -2.64
N GLU A 176 10.59 -9.85 -2.92
CA GLU A 176 9.83 -8.62 -2.64
C GLU A 176 8.41 -9.01 -2.27
N GLY A 177 7.71 -8.05 -1.66
CA GLY A 177 6.29 -8.15 -1.36
C GLY A 177 5.83 -9.45 -0.71
N ILE A 178 4.62 -9.87 -1.06
CA ILE A 178 4.01 -11.07 -0.51
C ILE A 178 4.88 -12.30 -0.75
N GLU A 179 5.57 -12.34 -1.89
CA GLU A 179 6.44 -13.49 -2.20
C GLU A 179 7.49 -13.67 -1.12
N LEU A 180 8.06 -12.57 -0.63
CA LEU A 180 8.99 -12.61 0.48
C LEU A 180 8.26 -12.77 1.81
N ALA A 181 7.24 -11.93 2.05
CA ALA A 181 6.64 -11.90 3.39
C ALA A 181 6.07 -13.25 3.81
N PHE A 182 5.66 -14.08 2.84
CA PHE A 182 5.07 -15.39 3.13
C PHE A 182 5.89 -16.51 2.49
N ASP A 183 7.20 -16.31 2.36
CA ASP A 183 8.07 -17.27 1.68
C ASP A 183 7.98 -18.67 2.29
N GLU A 184 7.89 -18.78 3.62
CA GLU A 184 7.91 -20.12 4.19
C GLU A 184 6.61 -20.86 3.89
N TRP A 185 5.48 -20.17 4.02
CA TRP A 185 4.20 -20.77 3.63
C TRP A 185 4.23 -21.20 2.17
N LEU A 186 4.83 -20.38 1.31
CA LEU A 186 4.74 -20.60 -0.13
C LEU A 186 5.76 -21.61 -0.62
N ALA A 187 6.91 -21.74 0.07
CA ALA A 187 8.03 -22.53 -0.43
C ALA A 187 7.80 -24.03 -0.25
N GLY A 188 7.69 -24.50 0.99
CA GLY A 188 7.78 -25.94 1.23
C GLY A 188 9.17 -26.47 0.95
N VAL A 189 9.48 -27.71 1.33
CA VAL A 189 10.89 -28.09 1.35
C VAL A 189 11.32 -28.76 0.05
N PRO A 190 12.49 -28.40 -0.46
CA PRO A 190 13.06 -29.09 -1.64
C PRO A 190 13.35 -30.55 -1.33
N GLY A 191 13.55 -31.32 -2.40
CA GLY A 191 13.86 -32.74 -2.26
C GLY A 191 15.26 -33.09 -2.76
N ALA A 213 10.47 -34.07 -1.56
CA ALA A 213 10.12 -32.68 -1.92
C ALA A 213 8.63 -32.43 -1.82
N LYS A 214 8.21 -31.62 -0.84
CA LYS A 214 6.76 -31.43 -0.84
C LYS A 214 6.40 -29.99 -1.18
N PRO A 215 5.29 -29.79 -1.89
CA PRO A 215 5.03 -28.48 -2.49
C PRO A 215 4.49 -27.45 -1.50
N GLY A 216 4.77 -26.19 -1.80
CA GLY A 216 4.32 -25.07 -0.99
C GLY A 216 2.80 -24.94 -1.00
N LYS A 217 2.31 -23.95 -0.24
CA LYS A 217 0.89 -23.84 0.05
C LYS A 217 0.26 -22.63 -0.65
N THR A 218 -0.97 -22.83 -1.11
CA THR A 218 -1.72 -21.77 -1.79
C THR A 218 -2.07 -20.65 -0.83
N LEU A 219 -1.98 -19.41 -1.33
CA LEU A 219 -2.22 -18.22 -0.54
C LEU A 219 -3.20 -17.32 -1.28
N ALA A 220 -4.30 -16.99 -0.64
CA ALA A 220 -5.28 -16.04 -1.16
C ALA A 220 -5.04 -14.69 -0.48
N LEU A 221 -4.63 -13.70 -1.27
CA LEU A 221 -4.43 -12.36 -0.75
C LEU A 221 -5.77 -11.75 -0.36
N SER A 222 -5.70 -10.67 0.41
CA SER A 222 -6.88 -9.85 0.67
C SER A 222 -7.25 -8.99 -0.53
N ILE A 223 -6.28 -8.76 -1.44
CA ILE A 223 -6.52 -7.94 -2.63
C ILE A 223 -7.68 -8.49 -3.43
N ASP A 224 -8.56 -7.57 -3.86
CA ASP A 224 -9.60 -7.83 -4.85
C ASP A 224 -9.09 -7.27 -6.18
N LEU A 225 -8.69 -8.16 -7.11
CA LEU A 225 -8.09 -7.72 -8.37
C LEU A 225 -8.99 -6.76 -9.14
N ARG A 226 -10.31 -6.91 -9.04
CA ARG A 226 -11.19 -5.94 -9.67
C ARG A 226 -10.98 -4.53 -9.07
N LEU A 227 -11.02 -4.43 -7.73
CA LEU A 227 -10.77 -3.13 -7.12
C LEU A 227 -9.35 -2.65 -7.37
N GLN A 228 -8.39 -3.58 -7.37
CA GLN A 228 -7.00 -3.23 -7.64
C GLN A 228 -6.86 -2.62 -9.03
N TYR A 229 -7.44 -3.29 -10.03
CA TYR A 229 -7.32 -2.77 -11.39
C TYR A 229 -8.01 -1.42 -11.52
N LEU A 230 -9.18 -1.27 -10.88
CA LEU A 230 -9.88 0.01 -10.90
C LEU A 230 -9.03 1.12 -10.26
N ALA A 231 -8.46 0.84 -9.09
CA ALA A 231 -7.56 1.81 -8.46
C ALA A 231 -6.33 2.09 -9.32
N HIS A 232 -5.74 1.05 -9.89
CA HIS A 232 -4.55 1.21 -10.74
C HIS A 232 -4.85 2.10 -11.94
N ARG A 233 -5.91 1.76 -12.70
CA ARG A 233 -6.32 2.54 -13.87
C ARG A 233 -6.67 3.99 -13.53
N GLU A 234 -7.46 4.19 -12.48
CA GLU A 234 -7.85 5.56 -12.12
C GLU A 234 -6.67 6.37 -11.57
N LEU A 235 -5.78 5.74 -10.79
CA LEU A 235 -4.64 6.49 -10.27
C LEU A 235 -3.71 6.92 -11.39
N ARG A 236 -3.44 6.03 -12.34
CA ARG A 236 -2.55 6.37 -13.44
C ARG A 236 -3.12 7.51 -14.29
N ASN A 237 -4.43 7.48 -14.57
CA ASN A 237 -5.10 8.58 -15.25
C ASN A 237 -4.88 9.89 -14.50
N ALA A 238 -5.12 9.89 -13.19
CA ALA A 238 -5.03 11.11 -12.41
C ALA A 238 -3.62 11.71 -12.46
N LEU A 239 -2.60 10.86 -12.43
CA LEU A 239 -1.24 11.35 -12.57
C LEU A 239 -1.03 11.98 -13.94
N LEU A 240 -1.64 11.40 -14.99
CA LEU A 240 -1.53 11.97 -16.31
C LEU A 240 -2.31 13.27 -16.43
N GLU A 241 -3.36 13.45 -15.63
CA GLU A 241 -4.13 14.69 -15.70
C GLU A 241 -3.38 15.84 -15.05
N ASN A 242 -3.02 15.69 -13.77
CA ASN A 242 -2.33 16.72 -13.00
C ASN A 242 -0.82 16.67 -13.15
N GLY A 243 -0.32 16.18 -14.28
CA GLY A 243 1.11 16.15 -14.56
C GLY A 243 2.01 15.58 -13.47
N ALA A 244 1.48 14.69 -12.64
CA ALA A 244 2.22 14.14 -11.52
C ALA A 244 2.94 12.85 -11.91
N LYS A 245 4.01 12.55 -11.19
CA LYS A 245 4.87 11.41 -11.51
C LYS A 245 4.58 10.16 -10.67
N ALA A 246 4.45 10.32 -9.35
CA ALA A 246 4.28 9.22 -8.41
C ALA A 246 3.01 9.42 -7.58
N GLY A 247 2.66 8.38 -6.85
CA GLY A 247 1.44 8.39 -6.07
C GLY A 247 1.05 6.98 -5.69
N SER A 248 0.05 6.89 -4.82
CA SER A 248 -0.43 5.60 -4.36
C SER A 248 -1.90 5.71 -3.92
N LEU A 249 -2.56 4.56 -3.82
CA LEU A 249 -3.96 4.50 -3.47
C LEU A 249 -4.18 3.24 -2.66
N VAL A 250 -4.84 3.37 -1.50
CA VAL A 250 -5.07 2.24 -0.60
C VAL A 250 -6.57 2.12 -0.39
N ILE A 251 -7.09 0.90 -0.53
CA ILE A 251 -8.48 0.59 -0.24
C ILE A 251 -8.49 -0.49 0.83
N MET A 252 -9.32 -0.29 1.86
CA MET A 252 -9.41 -1.21 2.98
C MET A 252 -10.85 -1.51 3.35
N ASP A 253 -11.07 -2.76 3.76
CA ASP A 253 -12.34 -3.16 4.35
C ASP A 253 -12.32 -2.73 5.81
N VAL A 254 -13.15 -1.76 6.16
CA VAL A 254 -13.14 -1.23 7.52
C VAL A 254 -13.61 -2.27 8.53
N LYS A 255 -14.36 -3.28 8.08
CA LYS A 255 -14.90 -4.27 9.00
C LYS A 255 -13.95 -5.41 9.28
N THR A 256 -13.10 -5.78 8.30
CA THR A 256 -12.27 -6.98 8.41
C THR A 256 -10.78 -6.69 8.51
N GLY A 257 -10.34 -5.46 8.23
CA GLY A 257 -8.93 -5.16 8.21
C GLY A 257 -8.25 -5.49 6.90
N GLU A 258 -8.96 -6.08 5.96
CA GLU A 258 -8.36 -6.48 4.70
C GLU A 258 -7.97 -5.30 3.84
N ILE A 259 -6.78 -5.39 3.25
CA ILE A 259 -6.33 -4.44 2.24
C ILE A 259 -6.88 -4.94 0.91
N LEU A 260 -7.94 -4.28 0.44
CA LEU A 260 -8.62 -4.69 -0.79
C LEU A 260 -7.86 -4.25 -2.03
N ALA A 261 -7.14 -3.14 -1.94
CA ALA A 261 -6.37 -2.63 -3.06
C ALA A 261 -5.21 -1.82 -2.48
N MET A 262 -4.03 -1.98 -3.11
CA MET A 262 -2.83 -1.21 -2.77
C MET A 262 -2.02 -1.03 -4.05
N THR A 263 -2.07 0.16 -4.63
CA THR A 263 -1.49 0.40 -5.93
C THR A 263 -0.55 1.60 -5.87
N ASN A 264 0.59 1.47 -6.53
CA ASN A 264 1.59 2.53 -6.59
C ASN A 264 1.84 2.91 -8.04
N GLN A 265 2.17 4.18 -8.23
CA GLN A 265 2.68 4.69 -9.48
C GLN A 265 3.99 5.39 -9.15
N PRO A 266 5.07 5.18 -9.95
CA PRO A 266 5.06 4.23 -11.06
C PRO A 266 5.11 2.77 -10.60
N THR A 267 4.82 1.85 -11.52
CA THR A 267 4.88 0.43 -11.20
C THR A 267 5.77 -0.28 -12.25
N TYR A 268 5.76 -1.61 -12.27
CA TYR A 268 6.71 -2.34 -13.11
C TYR A 268 6.16 -3.73 -13.39
N ASN A 269 6.66 -4.35 -14.46
CA ASN A 269 6.24 -5.71 -14.80
C ASN A 269 7.16 -6.71 -14.15
N PRO A 270 6.70 -7.48 -13.15
CA PRO A 270 7.57 -8.46 -12.51
C PRO A 270 7.94 -9.64 -13.40
N ASN A 271 7.34 -9.77 -14.59
CA ASN A 271 7.71 -10.85 -15.52
C ASN A 271 8.90 -10.48 -16.38
N ASN A 272 9.24 -9.18 -16.45
CA ASN A 272 10.35 -8.69 -17.24
C ASN A 272 11.05 -7.64 -16.40
N ARG A 273 11.79 -8.09 -15.39
CA ARG A 273 12.52 -7.20 -14.51
C ARG A 273 14.03 -7.25 -14.76
N ARG A 274 14.45 -7.76 -15.90
CA ARG A 274 15.79 -7.44 -16.37
C ARG A 274 16.02 -5.93 -16.45
N ASN A 275 14.98 -5.15 -16.82
CA ASN A 275 15.16 -3.71 -17.11
C ASN A 275 14.09 -2.86 -16.41
N LEU A 276 14.24 -2.63 -15.11
CA LEU A 276 13.27 -1.85 -14.36
C LEU A 276 14.00 -0.96 -13.37
N GLN A 277 13.81 0.37 -13.52
CA GLN A 277 14.28 1.44 -12.65
C GLN A 277 14.01 1.16 -11.17
N PRO A 278 14.86 1.65 -10.26
CA PRO A 278 14.59 1.41 -8.83
C PRO A 278 13.50 2.28 -8.25
N ALA A 279 13.14 3.39 -8.90
CA ALA A 279 12.05 4.23 -8.39
C ALA A 279 10.69 3.55 -8.55
N ALA A 280 10.48 2.87 -9.68
CA ALA A 280 9.25 2.13 -9.89
C ALA A 280 9.14 0.90 -8.99
N MET A 281 10.24 0.47 -8.38
CA MET A 281 10.20 -0.65 -7.44
C MET A 281 9.63 -0.23 -6.09
N ARG A 282 9.54 1.06 -5.81
CA ARG A 282 9.17 1.52 -4.48
C ARG A 282 7.69 1.25 -4.21
N ASN A 283 7.43 0.54 -3.11
CA ASN A 283 6.07 0.33 -2.61
C ASN A 283 5.69 1.56 -1.79
N ARG A 284 5.33 2.64 -2.50
CA ARG A 284 5.12 3.94 -1.88
C ARG A 284 4.11 3.89 -0.75
N ALA A 285 2.98 3.19 -0.96
CA ALA A 285 1.96 3.11 0.07
C ALA A 285 2.52 2.64 1.41
N MET A 286 3.55 1.80 1.40
CA MET A 286 4.11 1.32 2.65
C MET A 286 5.44 1.96 3.04
N ILE A 287 6.16 2.59 2.11
CA ILE A 287 7.51 3.09 2.34
CA ILE A 287 7.48 3.09 2.45
C ILE A 287 7.56 4.61 2.42
N ASP A 288 6.75 5.29 1.61
CA ASP A 288 6.85 6.75 1.49
C ASP A 288 6.21 7.39 2.73
N VAL A 289 7.03 8.02 3.55
CA VAL A 289 6.60 8.55 4.84
C VAL A 289 6.43 10.06 4.72
N PHE A 290 5.32 10.58 5.25
CA PHE A 290 5.03 12.00 5.08
C PHE A 290 4.28 12.51 6.29
N GLU A 291 4.42 13.81 6.55
CA GLU A 291 3.55 14.48 7.50
C GLU A 291 2.15 14.54 6.90
N PRO A 292 1.13 14.00 7.57
CA PRO A 292 -0.21 13.91 6.95
C PRO A 292 -1.03 15.20 6.96
N GLY A 293 -0.60 16.25 7.67
CA GLY A 293 -1.32 17.51 7.59
C GLY A 293 -2.77 17.40 8.05
N SER A 294 -3.65 18.05 7.31
CA SER A 294 -5.04 18.21 7.77
C SER A 294 -5.82 16.91 7.82
N THR A 295 -5.28 15.80 7.30
CA THR A 295 -6.02 14.55 7.35
C THR A 295 -6.11 13.96 8.75
N VAL A 296 -5.30 14.43 9.71
CA VAL A 296 -5.43 13.92 11.06
C VAL A 296 -6.21 14.85 11.96
N LYS A 297 -6.70 15.97 11.42
CA LYS A 297 -7.66 16.78 12.17
C LYS A 297 -8.86 15.99 12.68
N PRO A 298 -9.42 15.00 11.97
CA PRO A 298 -10.49 14.20 12.58
C PRO A 298 -10.07 13.52 13.88
N PHE A 299 -8.79 13.16 14.02
CA PHE A 299 -8.33 12.49 15.24
C PHE A 299 -8.08 13.49 16.36
N SER A 300 -7.48 14.64 16.06
CA SER A 300 -7.49 15.77 16.98
C SER A 300 -8.92 16.11 17.43
N MET A 301 -9.86 16.07 16.49
CA MET A 301 -11.24 16.36 16.86
C MET A 301 -11.86 15.23 17.69
N SER A 302 -11.45 13.97 17.47
CA SER A 302 -11.91 12.87 18.32
C SER A 302 -11.46 13.06 19.76
N ALA A 303 -10.20 13.45 19.95
CA ALA A 303 -9.71 13.77 21.29
C ALA A 303 -10.56 14.87 21.93
N ALA A 304 -10.91 15.89 21.14
CA ALA A 304 -11.74 17.00 21.64
C ALA A 304 -13.08 16.50 22.16
N LEU A 305 -13.73 15.60 21.41
CA LEU A 305 -15.05 15.14 21.79
C LEU A 305 -15.01 14.16 22.94
N ALA A 306 -13.87 13.51 23.16
CA ALA A 306 -13.73 12.58 24.28
C ALA A 306 -13.29 13.29 25.55
N SER A 307 -12.73 14.51 25.45
CA SER A 307 -12.31 15.22 26.64
C SER A 307 -13.49 15.59 27.51
N GLY A 308 -14.65 15.77 26.90
CA GLY A 308 -15.77 16.26 27.64
C GLY A 308 -15.90 17.76 27.69
N ARG A 309 -14.98 18.51 27.07
CA ARG A 309 -15.06 19.96 27.06
C ARG A 309 -15.61 20.52 25.75
N TRP A 310 -15.98 19.65 24.80
CA TRP A 310 -16.34 20.07 23.45
C TRP A 310 -17.47 19.21 22.91
N LYS A 311 -18.55 19.86 22.53
CA LYS A 311 -19.64 19.28 21.78
C LYS A 311 -19.60 19.81 20.36
N PRO A 312 -20.17 19.08 19.39
CA PRO A 312 -20.05 19.47 17.99
C PRO A 312 -20.48 20.90 17.69
N SER A 313 -21.53 21.38 18.36
CA SER A 313 -22.05 22.71 18.11
C SER A 313 -21.28 23.80 18.86
N ASP A 314 -20.27 23.45 19.66
CA ASP A 314 -19.45 24.46 20.32
C ASP A 314 -18.70 25.29 19.27
N ILE A 315 -18.26 26.46 19.71
CA ILE A 315 -17.82 27.56 18.84
C ILE A 315 -16.35 27.83 19.10
N VAL A 316 -15.58 28.03 18.04
CA VAL A 316 -14.24 28.60 18.16
C VAL A 316 -14.16 29.82 17.25
N ASP A 317 -13.56 30.90 17.76
CA ASP A 317 -13.34 32.12 16.99
C ASP A 317 -11.94 32.07 16.38
N VAL A 318 -11.85 32.08 15.05
CA VAL A 318 -10.59 31.98 14.34
C VAL A 318 -10.20 33.29 13.68
N TYR A 319 -11.03 34.33 13.77
CA TYR A 319 -10.71 35.62 13.19
C TYR A 319 -9.35 36.09 13.69
N PRO A 320 -8.48 36.63 12.82
CA PRO A 320 -8.68 36.85 11.40
C PRO A 320 -7.98 35.79 10.53
N GLY A 321 -7.96 34.52 10.96
CA GLY A 321 -7.32 33.45 10.21
C GLY A 321 -5.85 33.26 10.51
N THR A 322 -5.31 33.99 11.49
CA THR A 322 -3.94 33.87 11.91
C THR A 322 -3.94 33.74 13.44
N LEU A 323 -2.87 33.15 13.97
CA LEU A 323 -2.74 33.03 15.42
C LEU A 323 -1.26 33.04 15.75
N GLN A 324 -0.85 34.01 16.56
CA GLN A 324 0.54 34.16 16.96
C GLN A 324 0.83 33.28 18.16
N ILE A 325 1.89 32.46 18.04
CA ILE A 325 2.37 31.59 19.12
C ILE A 325 3.78 32.06 19.44
N GLY A 326 3.90 32.97 20.41
CA GLY A 326 5.18 33.57 20.71
C GLY A 326 5.82 34.21 19.49
N ARG A 327 6.56 33.40 18.75
CA ARG A 327 7.29 33.76 17.55
C ARG A 327 6.60 33.27 16.27
N TYR A 328 6.13 32.04 16.31
CA TYR A 328 5.41 31.39 15.21
C TYR A 328 4.05 32.06 14.99
N THR A 329 3.61 32.09 13.73
CA THR A 329 2.25 32.51 13.40
C THR A 329 1.53 31.42 12.61
N ILE A 330 0.51 30.82 13.24
CA ILE A 330 -0.40 29.90 12.56
C ILE A 330 -1.25 30.67 11.56
N ARG A 331 -1.40 30.12 10.37
CA ARG A 331 -2.13 30.78 9.31
C ARG A 331 -3.05 29.80 8.60
N ASP A 332 -4.33 30.14 8.52
CA ASP A 332 -5.32 29.35 7.80
C ASP A 332 -5.20 29.57 6.28
N VAL A 333 -5.80 28.67 5.51
CA VAL A 333 -5.79 28.82 4.06
C VAL A 333 -6.94 29.69 3.60
N SER A 334 -8.11 29.53 4.23
CA SER A 334 -9.30 30.31 3.97
C SER A 334 -9.53 31.17 5.20
N ARG A 335 -9.21 32.46 5.10
CA ARG A 335 -9.30 33.36 6.24
C ARG A 335 -10.53 34.25 6.11
N ASN A 336 -11.69 33.57 6.06
CA ASN A 336 -12.97 34.20 5.79
C ASN A 336 -13.99 33.92 6.89
N SER A 337 -13.55 33.59 8.09
CA SER A 337 -14.52 33.26 9.12
C SER A 337 -14.15 33.90 10.45
N ARG A 338 -15.15 33.98 11.32
CA ARG A 338 -14.90 34.37 12.70
C ARG A 338 -15.23 33.17 13.55
N GLN A 339 -16.51 33.01 13.90
CA GLN A 339 -16.94 31.87 14.68
C GLN A 339 -17.19 30.66 13.79
N LEU A 340 -16.64 29.51 14.20
CA LEU A 340 -16.84 28.22 13.55
C LEU A 340 -17.21 27.21 14.60
N ASP A 341 -18.25 26.42 14.35
CA ASP A 341 -18.46 25.28 15.22
C ASP A 341 -17.48 24.17 14.80
N LEU A 342 -17.50 23.06 15.55
CA LEU A 342 -16.44 22.08 15.36
C LEU A 342 -16.49 21.49 13.96
N THR A 343 -17.68 21.26 13.42
CA THR A 343 -17.79 20.82 12.04
C THR A 343 -17.24 21.88 11.08
N GLY A 344 -17.52 23.14 11.37
CA GLY A 344 -16.98 24.20 10.54
C GLY A 344 -15.47 24.21 10.48
N ILE A 345 -14.82 23.79 11.56
CA ILE A 345 -13.37 23.81 11.58
C ILE A 345 -12.83 22.77 10.61
N LEU A 346 -13.53 21.64 10.48
CA LEU A 346 -13.15 20.62 9.52
C LEU A 346 -13.55 21.03 8.09
N ILE A 347 -14.74 21.59 7.89
CA ILE A 347 -15.13 22.02 6.55
C ILE A 347 -14.12 23.02 6.00
N LYS A 348 -13.83 24.07 6.76
CA LYS A 348 -12.89 25.06 6.29
C LYS A 348 -11.44 24.66 6.53
N SER A 349 -11.22 23.56 7.25
CA SER A 349 -9.88 23.03 7.56
C SER A 349 -9.00 24.12 8.18
N SER A 350 -9.48 24.65 9.30
CA SER A 350 -8.86 25.78 9.99
C SER A 350 -7.79 25.28 10.95
N ASN A 351 -6.52 25.59 10.65
CA ASN A 351 -5.46 25.32 11.62
C ASN A 351 -5.62 26.15 12.88
N VAL A 352 -6.14 27.38 12.76
CA VAL A 352 -6.34 28.22 13.94
C VAL A 352 -7.32 27.56 14.89
N GLY A 353 -8.47 27.14 14.38
CA GLY A 353 -9.45 26.52 15.24
C GLY A 353 -8.98 25.22 15.86
N ILE A 354 -8.24 24.39 15.10
CA ILE A 354 -7.85 23.11 15.67
C ILE A 354 -6.77 23.31 16.73
N SER A 355 -5.92 24.31 16.54
CA SER A 355 -4.90 24.63 17.55
C SER A 355 -5.55 25.14 18.81
N LYS A 356 -6.52 26.05 18.68
CA LYS A 356 -7.17 26.60 19.86
C LYS A 356 -7.80 25.50 20.69
N ILE A 357 -8.48 24.57 20.03
CA ILE A 357 -9.02 23.40 20.71
C ILE A 357 -7.90 22.58 21.31
N ALA A 358 -6.78 22.43 20.58
CA ALA A 358 -5.67 21.63 21.08
C ALA A 358 -5.09 22.25 22.35
N PHE A 359 -4.97 23.57 22.39
CA PHE A 359 -4.54 24.21 23.62
C PHE A 359 -5.49 23.88 24.78
N ASP A 360 -6.80 23.93 24.51
CA ASP A 360 -7.77 23.67 25.57
C ASP A 360 -7.68 22.24 26.10
N ILE A 361 -7.51 21.25 25.23
CA ILE A 361 -7.55 19.87 25.68
C ILE A 361 -6.18 19.29 25.99
N GLY A 362 -5.10 19.87 25.47
CA GLY A 362 -3.78 19.32 25.67
C GLY A 362 -3.37 18.28 24.65
N ALA A 363 -2.07 18.27 24.30
CA ALA A 363 -1.56 17.44 23.21
C ALA A 363 -1.52 15.95 23.57
N GLU A 364 -1.43 15.63 24.87
CA GLU A 364 -1.41 14.25 25.33
C GLU A 364 -2.63 13.50 24.82
N SER A 365 -3.82 14.11 24.95
CA SER A 365 -5.05 13.48 24.46
C SER A 365 -4.99 13.23 22.97
N ILE A 366 -4.43 14.19 22.22
CA ILE A 366 -4.37 14.06 20.77
C ILE A 366 -3.33 13.00 20.37
N TYR A 367 -2.14 13.03 20.99
CA TYR A 367 -1.16 11.97 20.79
C TYR A 367 -1.76 10.59 21.07
N SER A 368 -2.58 10.50 22.12
CA SER A 368 -3.12 9.21 22.51
C SER A 368 -4.06 8.66 21.44
N VAL A 369 -4.96 9.50 20.91
CA VAL A 369 -5.84 9.01 19.85
C VAL A 369 -5.02 8.60 18.63
N MET A 370 -4.01 9.40 18.30
CA MET A 370 -3.25 9.13 17.08
C MET A 370 -2.47 7.83 17.19
N GLN A 371 -1.87 7.60 18.35
CA GLN A 371 -1.15 6.36 18.60
C GLN A 371 -2.11 5.17 18.61
N GLN A 372 -3.25 5.32 19.30
CA GLN A 372 -4.26 4.26 19.35
C GLN A 372 -4.78 3.85 17.98
N VAL A 373 -4.94 4.80 17.04
CA VAL A 373 -5.39 4.41 15.70
C VAL A 373 -4.25 3.92 14.81
N GLY A 374 -3.00 3.90 15.29
CA GLY A 374 -1.87 3.34 14.56
C GLY A 374 -0.96 4.30 13.82
N LEU A 375 -1.12 5.62 14.01
CA LEU A 375 -0.33 6.59 13.25
C LEU A 375 1.08 6.60 13.81
N GLY A 376 2.07 6.35 12.97
CA GLY A 376 3.43 6.20 13.44
C GLY A 376 3.70 4.94 14.25
N GLN A 377 2.86 3.92 14.12
CA GLN A 377 3.02 2.66 14.85
C GLN A 377 3.28 1.53 13.87
N ASP A 378 3.71 0.40 14.41
CA ASP A 378 3.95 -0.77 13.57
C ASP A 378 2.63 -1.35 13.09
N THR A 379 2.47 -1.49 11.77
CA THR A 379 1.25 -2.07 11.22
C THR A 379 1.15 -3.56 11.49
N GLY A 380 2.28 -4.20 11.81
CA GLY A 380 2.28 -5.62 12.09
C GLY A 380 1.98 -6.49 10.90
N LEU A 381 2.24 -6.01 9.67
CA LEU A 381 2.00 -6.87 8.52
C LEU A 381 3.19 -7.76 8.21
N GLY A 382 4.36 -7.47 8.79
CA GLY A 382 5.55 -8.16 8.37
C GLY A 382 5.84 -7.97 6.90
N PHE A 383 5.50 -6.83 6.36
CA PHE A 383 5.74 -6.64 4.95
C PHE A 383 7.17 -6.15 4.74
N PRO A 384 7.90 -6.72 3.78
CA PRO A 384 9.27 -6.26 3.53
C PRO A 384 9.28 -4.79 3.14
N GLY A 385 10.27 -4.07 3.65
CA GLY A 385 10.40 -2.67 3.34
C GLY A 385 9.46 -1.74 4.09
N GLU A 386 8.41 -2.26 4.74
CA GLU A 386 7.40 -1.40 5.33
C GLU A 386 7.99 -0.51 6.42
N ARG A 387 7.64 0.77 6.38
CA ARG A 387 8.13 1.78 7.30
C ARG A 387 7.05 2.19 8.28
N VAL A 388 7.50 2.76 9.40
CA VAL A 388 6.66 3.04 10.56
C VAL A 388 6.41 4.54 10.76
N GLY A 389 7.26 5.40 10.25
CA GLY A 389 7.16 6.82 10.52
C GLY A 389 7.52 7.10 11.97
N ASN A 390 7.05 8.23 12.48
CA ASN A 390 7.39 8.65 13.82
C ASN A 390 6.30 9.56 14.38
N LEU A 391 5.71 9.12 15.50
CA LEU A 391 4.79 9.93 16.30
C LEU A 391 5.51 10.25 17.61
N PRO A 392 6.21 11.39 17.69
CA PRO A 392 7.06 11.64 18.87
C PRO A 392 6.21 11.91 20.11
N ASN A 393 6.53 11.18 21.19
CA ASN A 393 5.83 11.30 22.45
C ASN A 393 6.60 12.29 23.33
N HIS A 394 6.35 13.58 23.11
CA HIS A 394 7.07 14.60 23.87
C HIS A 394 6.77 14.56 25.35
N ARG A 395 5.76 13.78 25.78
CA ARG A 395 5.31 13.66 27.15
C ARG A 395 4.76 14.98 27.68
N LYS A 396 5.48 16.09 27.47
CA LYS A 396 4.95 17.43 27.68
C LYS A 396 5.20 18.26 26.43
N TRP A 397 4.16 18.92 25.93
CA TRP A 397 4.23 19.67 24.68
C TRP A 397 4.07 21.15 24.93
N PRO A 398 4.98 22.00 24.43
CA PRO A 398 4.71 23.45 24.39
C PRO A 398 3.57 23.78 23.44
N LYS A 399 3.19 25.06 23.37
CA LYS A 399 2.02 25.44 22.57
C LYS A 399 2.25 25.19 21.07
N ALA A 400 3.46 25.48 20.58
CA ALA A 400 3.72 25.36 19.14
C ALA A 400 3.70 23.89 18.70
N GLU A 401 4.36 23.02 19.46
CA GLU A 401 4.30 21.59 19.16
C GLU A 401 2.92 21.03 19.43
N THR A 402 2.17 21.60 20.37
CA THR A 402 0.79 21.16 20.56
C THR A 402 -0.05 21.42 19.32
N ALA A 403 0.07 22.61 18.73
CA ALA A 403 -0.71 22.93 17.53
C ALA A 403 -0.21 22.16 16.32
N THR A 404 1.11 22.10 16.13
CA THR A 404 1.67 21.43 14.97
C THR A 404 1.31 19.94 14.95
N LEU A 405 1.14 19.33 16.12
CA LEU A 405 0.64 17.95 16.17
C LEU A 405 -0.83 17.90 15.75
N ALA A 406 -1.64 18.83 16.29
CA ALA A 406 -3.08 18.77 16.11
C ALA A 406 -3.49 18.95 14.65
N TYR A 407 -2.77 19.77 13.89
CA TYR A 407 -3.08 19.91 12.48
C TYR A 407 -2.08 19.17 11.60
N GLY A 408 -1.32 18.23 12.17
CA GLY A 408 -0.79 17.13 11.40
C GLY A 408 0.62 17.26 10.84
N TYR A 409 1.44 18.17 11.35
CA TYR A 409 2.80 18.31 10.86
C TYR A 409 3.84 17.90 11.90
N GLY A 410 3.42 17.56 13.12
CA GLY A 410 4.35 17.05 14.09
C GLY A 410 4.41 15.53 14.14
N LEU A 411 4.07 14.86 13.03
CA LEU A 411 4.17 13.41 12.95
C LEU A 411 4.39 13.00 11.50
N SER A 412 4.83 11.76 11.32
CA SER A 412 5.10 11.19 10.00
C SER A 412 4.41 9.82 9.92
N VAL A 413 3.74 9.55 8.80
CA VAL A 413 2.95 8.33 8.63
C VAL A 413 3.09 7.84 7.19
N THR A 414 2.60 6.62 6.94
CA THR A 414 2.47 6.07 5.61
C THR A 414 1.00 6.15 5.16
N ALA A 415 0.79 5.93 3.86
CA ALA A 415 -0.57 5.85 3.35
C ALA A 415 -1.34 4.68 3.98
N ILE A 416 -0.65 3.59 4.28
CA ILE A 416 -1.30 2.43 4.87
C ILE A 416 -1.75 2.73 6.30
N GLN A 417 -0.89 3.38 7.09
CA GLN A 417 -1.29 3.77 8.45
C GLN A 417 -2.47 4.72 8.44
N LEU A 418 -2.44 5.71 7.53
CA LEU A 418 -3.55 6.66 7.43
C LEU A 418 -4.86 5.98 7.07
N ALA A 419 -4.82 5.00 6.15
CA ALA A 419 -6.04 4.28 5.78
C ALA A 419 -6.55 3.42 6.93
N HIS A 420 -5.65 2.74 7.65
CA HIS A 420 -6.01 1.98 8.84
C HIS A 420 -6.65 2.86 9.90
N ALA A 421 -6.12 4.07 10.10
CA ALA A 421 -6.70 5.01 11.04
C ALA A 421 -8.12 5.39 10.61
N TYR A 422 -8.30 5.73 9.33
CA TYR A 422 -9.64 6.06 8.86
C TYR A 422 -10.56 4.84 8.93
N ALA A 423 -10.03 3.65 8.69
CA ALA A 423 -10.80 2.43 8.91
C ALA A 423 -11.31 2.36 10.34
N ALA A 424 -10.45 2.66 11.32
CA ALA A 424 -10.89 2.59 12.70
C ALA A 424 -11.99 3.59 12.98
N LEU A 425 -11.84 4.82 12.46
CA LEU A 425 -12.88 5.82 12.60
C LEU A 425 -14.17 5.38 11.92
N ALA A 426 -14.07 4.78 10.73
CA ALA A 426 -15.26 4.35 10.00
C ALA A 426 -15.94 3.16 10.67
N ASN A 427 -15.16 2.25 11.24
CA ASN A 427 -15.68 1.06 11.91
C ASN A 427 -16.21 1.36 13.30
N ASP A 428 -16.87 2.51 13.47
CA ASP A 428 -17.39 3.00 14.74
C ASP A 428 -16.31 3.02 15.82
N GLY A 429 -15.10 3.40 15.44
CA GLY A 429 -14.05 3.55 16.43
C GLY A 429 -13.34 2.27 16.83
N LYS A 430 -13.62 1.15 16.16
CA LYS A 430 -13.01 -0.14 16.45
C LYS A 430 -11.99 -0.46 15.36
N SER A 431 -10.74 -0.65 15.77
CA SER A 431 -9.65 -0.91 14.84
C SER A 431 -9.46 -2.43 14.72
N VAL A 432 -9.69 -2.96 13.52
CA VAL A 432 -9.47 -4.38 13.21
C VAL A 432 -8.07 -4.51 12.61
N PRO A 433 -7.26 -5.49 13.00
CA PRO A 433 -5.85 -5.51 12.57
C PRO A 433 -5.68 -5.70 11.07
N LEU A 434 -4.69 -5.02 10.52
CA LEU A 434 -4.43 -5.03 9.08
C LEU A 434 -4.11 -6.44 8.61
N SER A 435 -4.54 -6.76 7.39
CA SER A 435 -4.30 -8.08 6.83
C SER A 435 -4.10 -7.91 5.34
N MET A 436 -3.03 -8.51 4.81
CA MET A 436 -2.81 -8.58 3.38
C MET A 436 -3.23 -9.91 2.78
N THR A 437 -3.79 -10.80 3.59
CA THR A 437 -4.29 -12.09 3.14
C THR A 437 -5.78 -12.16 3.41
N ARG A 438 -6.46 -13.08 2.74
CA ARG A 438 -7.90 -13.19 2.92
C ARG A 438 -8.24 -13.49 4.37
N VAL A 439 -9.15 -12.70 4.93
CA VAL A 439 -9.61 -12.86 6.30
C VAL A 439 -10.92 -13.64 6.23
N ASP A 440 -10.89 -14.90 6.67
CA ASP A 440 -12.11 -15.67 6.80
C ASP A 440 -12.75 -15.49 8.17
N ARG A 441 -11.96 -15.48 9.24
CA ARG A 441 -12.46 -15.32 10.61
C ARG A 441 -11.91 -14.00 11.14
N VAL A 442 -12.77 -13.00 11.21
CA VAL A 442 -12.30 -11.65 11.58
C VAL A 442 -11.82 -11.64 13.04
N PRO A 443 -10.59 -11.21 13.31
CA PRO A 443 -10.16 -11.06 14.71
C PRO A 443 -10.90 -9.91 15.36
N ASP A 444 -11.03 -10.00 16.69
CA ASP A 444 -11.70 -8.94 17.43
C ASP A 444 -10.85 -7.69 17.42
N GLY A 445 -11.48 -6.54 17.20
CA GLY A 445 -10.78 -5.28 17.19
C GLY A 445 -10.67 -4.68 18.59
N VAL A 446 -9.95 -3.56 18.64
CA VAL A 446 -9.87 -2.77 19.85
C VAL A 446 -10.74 -1.54 19.64
N GLN A 447 -11.65 -1.30 20.56
CA GLN A 447 -12.33 0.00 20.66
C GLN A 447 -11.29 1.07 21.02
N VAL A 448 -10.77 1.79 20.00
CA VAL A 448 -9.73 2.79 20.22
C VAL A 448 -10.33 4.20 20.31
N ILE A 449 -11.50 4.41 19.72
CA ILE A 449 -12.25 5.64 19.85
C ILE A 449 -13.66 5.24 20.22
N SER A 450 -14.25 5.92 21.21
CA SER A 450 -15.56 5.51 21.68
C SER A 450 -16.56 5.59 20.52
N PRO A 451 -17.52 4.66 20.48
CA PRO A 451 -18.45 4.61 19.32
C PRO A 451 -19.27 5.88 19.14
N GLU A 452 -19.62 6.55 20.23
CA GLU A 452 -20.33 7.83 20.14
C GLU A 452 -19.47 8.90 19.48
N VAL A 453 -18.21 9.04 19.93
CA VAL A 453 -17.30 10.01 19.33
C VAL A 453 -17.05 9.65 17.87
N ALA A 454 -16.79 8.37 17.58
CA ALA A 454 -16.51 7.97 16.20
C ALA A 454 -17.69 8.26 15.28
N SER A 455 -18.91 7.99 15.76
CA SER A 455 -20.09 8.27 14.96
C SER A 455 -20.31 9.77 14.79
N THR A 456 -19.96 10.56 15.82
CA THR A 456 -20.04 12.02 15.68
C THR A 456 -19.06 12.52 14.61
N VAL A 457 -17.79 12.11 14.72
CA VAL A 457 -16.78 12.53 13.75
C VAL A 457 -17.14 12.04 12.36
N GLN A 458 -17.73 10.85 12.25
CA GLN A 458 -18.25 10.38 10.97
C GLN A 458 -19.20 11.39 10.35
N GLY A 459 -20.17 11.87 11.13
CA GLY A 459 -21.11 12.86 10.62
C GLY A 459 -20.43 14.14 10.18
N MET A 460 -19.44 14.60 10.95
CA MET A 460 -18.71 15.81 10.58
C MET A 460 -17.99 15.62 9.25
N LEU A 461 -17.28 14.50 9.11
CA LEU A 461 -16.58 14.23 7.85
C LEU A 461 -17.54 14.08 6.69
N GLN A 462 -18.73 13.53 6.93
CA GLN A 462 -19.73 13.54 5.86
C GLN A 462 -20.11 14.96 5.48
N GLN A 463 -20.20 15.86 6.46
CA GLN A 463 -20.47 17.26 6.17
C GLN A 463 -19.29 17.91 5.43
N VAL A 464 -18.05 17.48 5.69
CA VAL A 464 -16.93 18.03 4.95
C VAL A 464 -17.10 17.79 3.45
N VAL A 465 -17.76 16.70 3.07
CA VAL A 465 -17.94 16.36 1.66
C VAL A 465 -19.25 16.92 1.11
N GLU A 466 -20.36 16.74 1.84
CA GLU A 466 -21.67 17.21 1.35
C GLU A 466 -21.76 18.73 1.31
N ALA A 467 -21.28 19.42 2.36
CA ALA A 467 -21.81 20.73 2.72
C ALA A 467 -21.31 21.85 1.81
N GLN A 468 -21.92 23.02 2.00
CA GLN A 468 -21.57 24.23 1.25
C GLN A 468 -20.15 24.67 1.60
N GLY A 469 -19.33 24.89 0.56
CA GLY A 469 -17.92 25.12 0.73
C GLY A 469 -17.10 23.89 0.98
N GLY A 470 -17.73 22.70 1.02
CA GLY A 470 -17.00 21.47 1.25
C GLY A 470 -16.33 20.95 0.00
N VAL A 471 -15.59 19.85 0.19
CA VAL A 471 -14.91 19.14 -0.90
C VAL A 471 -15.95 18.45 -1.79
N PHE A 472 -16.58 19.23 -2.67
CA PHE A 472 -17.66 18.67 -3.50
C PHE A 472 -17.14 17.65 -4.51
N ARG A 473 -15.88 17.81 -4.96
CA ARG A 473 -15.31 16.91 -5.96
C ARG A 473 -15.08 15.50 -5.42
N ALA A 474 -15.26 15.28 -4.11
CA ALA A 474 -15.14 13.96 -3.51
C ALA A 474 -16.48 13.28 -3.30
N GLN A 475 -17.58 13.96 -3.59
CA GLN A 475 -18.90 13.35 -3.48
C GLN A 475 -19.00 12.12 -4.39
N VAL A 476 -19.69 11.10 -3.92
CA VAL A 476 -19.80 9.83 -4.63
C VAL A 476 -21.25 9.67 -5.04
N PRO A 477 -21.57 9.76 -6.33
CA PRO A 477 -22.99 9.71 -6.74
C PRO A 477 -23.59 8.36 -6.40
N GLY A 478 -24.74 8.39 -5.75
CA GLY A 478 -25.42 7.23 -5.25
C GLY A 478 -25.27 7.02 -3.77
N TYR A 479 -24.13 7.40 -3.19
CA TYR A 479 -23.85 7.13 -1.79
C TYR A 479 -23.53 8.43 -1.06
N HIS A 480 -23.54 8.35 0.26
CA HIS A 480 -22.99 9.38 1.14
C HIS A 480 -21.56 9.00 1.49
N ALA A 481 -20.60 9.83 1.11
CA ALA A 481 -19.19 9.63 1.44
C ALA A 481 -18.73 10.65 2.48
N ALA A 482 -17.72 10.26 3.27
CA ALA A 482 -17.11 11.12 4.29
C ALA A 482 -15.61 11.15 4.05
N GLY A 483 -14.96 12.24 4.43
CA GLY A 483 -13.55 12.34 4.13
C GLY A 483 -12.99 13.71 4.43
N LYS A 484 -11.68 13.82 4.22
CA LYS A 484 -10.90 15.00 4.54
C LYS A 484 -9.73 15.11 3.57
N SER A 485 -9.61 16.25 2.90
CA SER A 485 -8.43 16.49 2.10
C SER A 485 -7.29 17.00 2.98
N GLY A 486 -6.08 17.00 2.43
CA GLY A 486 -4.95 17.62 3.09
C GLY A 486 -3.77 17.70 2.15
N THR A 487 -2.78 18.50 2.57
CA THR A 487 -1.50 18.59 1.89
C THR A 487 -0.43 17.98 2.79
N ALA A 488 0.24 16.96 2.29
CA ALA A 488 1.29 16.32 3.06
C ALA A 488 2.62 16.97 2.76
N ARG A 489 3.60 16.68 3.62
CA ARG A 489 4.91 17.32 3.50
C ARG A 489 6.03 16.37 3.91
N ALA A 502 8.94 19.12 -0.55
CA ALA A 502 8.16 18.16 -1.31
C ALA A 502 6.78 17.94 -0.69
N TYR A 503 5.76 18.05 -1.53
CA TYR A 503 4.39 18.02 -1.08
C TYR A 503 3.65 16.91 -1.79
N ARG A 504 2.53 16.50 -1.19
CA ARG A 504 1.66 15.50 -1.76
C ARG A 504 0.24 15.91 -1.45
N SER A 505 -0.64 15.69 -2.41
CA SER A 505 -2.06 15.90 -2.21
C SER A 505 -2.67 14.64 -1.61
N LEU A 506 -3.45 14.80 -0.55
CA LEU A 506 -4.05 13.68 0.18
C LEU A 506 -5.55 13.81 0.15
N PHE A 507 -6.24 12.69 -0.03
CA PHE A 507 -7.62 12.57 0.41
C PHE A 507 -7.80 11.25 1.14
N ALA A 508 -8.45 11.33 2.30
CA ALA A 508 -8.75 10.19 3.14
C ALA A 508 -10.24 10.21 3.44
N GLY A 509 -10.88 9.06 3.29
CA GLY A 509 -12.31 9.03 3.50
C GLY A 509 -12.83 7.61 3.49
N PHE A 510 -14.15 7.52 3.63
CA PHE A 510 -14.78 6.23 3.75
C PHE A 510 -16.23 6.38 3.29
N ALA A 511 -16.87 5.26 3.03
CA ALA A 511 -18.20 5.24 2.45
C ALA A 511 -18.79 3.85 2.65
N PRO A 512 -20.13 3.71 2.68
CA PRO A 512 -21.12 4.79 2.76
C PRO A 512 -21.20 5.40 4.15
N ALA A 513 -21.52 6.68 4.26
CA ALA A 513 -21.40 7.41 5.53
C ALA A 513 -22.27 6.83 6.64
N THR A 514 -23.38 6.16 6.30
CA THR A 514 -24.31 5.70 7.32
C THR A 514 -24.12 4.24 7.72
N ASP A 515 -23.33 3.47 6.95
CA ASP A 515 -22.90 2.13 7.37
C ASP A 515 -21.59 1.83 6.66
N PRO A 516 -20.50 2.48 7.06
CA PRO A 516 -19.26 2.49 6.26
C PRO A 516 -18.71 1.09 6.01
N ARG A 517 -18.22 0.90 4.78
CA ARG A 517 -17.66 -0.38 4.35
C ARG A 517 -16.21 -0.28 3.94
N ILE A 518 -15.81 0.84 3.34
CA ILE A 518 -14.52 1.00 2.69
C ILE A 518 -13.91 2.29 3.20
N ALA A 519 -12.64 2.25 3.57
CA ALA A 519 -11.83 3.45 3.72
C ALA A 519 -10.79 3.47 2.59
N MET A 520 -10.46 4.68 2.15
CA MET A 520 -9.57 4.87 1.02
C MET A 520 -8.67 6.05 1.32
N VAL A 521 -7.40 5.93 0.94
CA VAL A 521 -6.44 7.03 1.01
C VAL A 521 -5.82 7.21 -0.37
N VAL A 522 -5.85 8.45 -0.89
CA VAL A 522 -5.28 8.80 -2.20
C VAL A 522 -4.11 9.73 -1.98
N VAL A 523 -2.94 9.35 -2.51
CA VAL A 523 -1.70 10.14 -2.41
C VAL A 523 -1.21 10.42 -3.82
N ILE A 524 -1.10 11.69 -4.17
CA ILE A 524 -0.57 12.12 -5.45
C ILE A 524 0.56 13.12 -5.19
N ASP A 525 1.79 12.75 -5.57
CA ASP A 525 2.94 13.61 -5.35
C ASP A 525 2.90 14.81 -6.28
N GLU A 526 3.45 15.93 -5.84
CA GLU A 526 3.27 17.16 -6.60
C GLU A 526 4.49 18.06 -6.46
N PRO A 527 4.83 18.82 -7.52
CA PRO A 527 5.83 19.90 -7.54
C PRO A 527 5.24 21.31 -7.35
N LEU A 536 -6.85 18.85 -3.32
CA LEU A 536 -8.08 18.53 -4.03
C LEU A 536 -7.76 18.10 -5.46
N VAL A 537 -6.49 17.77 -5.69
CA VAL A 537 -6.11 16.97 -6.84
C VAL A 537 -6.70 15.57 -6.71
N SER A 538 -6.75 15.05 -5.48
CA SER A 538 -7.01 13.64 -5.25
C SER A 538 -8.43 13.35 -4.83
N ALA A 539 -9.20 14.35 -4.41
CA ALA A 539 -10.61 14.16 -4.12
C ALA A 539 -11.40 13.62 -5.31
N PRO A 540 -11.13 14.02 -6.58
CA PRO A 540 -11.84 13.37 -7.69
C PRO A 540 -11.52 11.90 -7.81
N VAL A 541 -10.26 11.51 -7.57
CA VAL A 541 -9.88 10.11 -7.67
C VAL A 541 -10.59 9.29 -6.59
N PHE A 542 -10.61 9.79 -5.36
CA PHE A 542 -11.41 9.16 -4.32
C PHE A 542 -12.82 8.88 -4.80
N SER A 543 -13.46 9.90 -5.41
CA SER A 543 -14.82 9.80 -5.93
C SER A 543 -14.95 8.68 -6.96
N LYS A 544 -14.12 8.73 -8.01
CA LYS A 544 -14.20 7.71 -9.06
C LYS A 544 -13.93 6.33 -8.49
N VAL A 545 -12.82 6.16 -7.77
CA VAL A 545 -12.43 4.84 -7.29
C VAL A 545 -13.44 4.31 -6.26
N MET A 546 -13.97 5.19 -5.40
CA MET A 546 -14.91 4.72 -4.39
C MET A 546 -16.25 4.34 -5.01
N ALA A 547 -16.71 5.11 -6.00
CA ALA A 547 -17.94 4.76 -6.72
C ALA A 547 -17.85 3.36 -7.30
N GLY A 548 -16.73 3.01 -7.93
CA GLY A 548 -16.61 1.69 -8.51
C GLY A 548 -16.40 0.61 -7.46
N ALA A 549 -15.63 0.91 -6.42
CA ALA A 549 -15.30 -0.12 -5.44
C ALA A 549 -16.57 -0.61 -4.75
N LEU A 550 -17.41 0.34 -4.30
CA LEU A 550 -18.65 0.00 -3.63
C LEU A 550 -19.59 -0.74 -4.54
N ARG A 551 -19.60 -0.38 -5.83
CA ARG A 551 -20.44 -1.11 -6.77
C ARG A 551 -19.89 -2.51 -7.03
N LEU A 552 -18.57 -2.64 -7.19
CA LEU A 552 -18.01 -3.98 -7.30
C LEU A 552 -18.35 -4.83 -6.09
N MET A 553 -18.50 -4.21 -4.92
CA MET A 553 -18.83 -4.96 -3.72
C MET A 553 -20.33 -5.01 -3.42
N ASN A 554 -21.17 -4.62 -4.40
CA ASN A 554 -22.63 -4.70 -4.27
C ASN A 554 -23.13 -4.00 -3.01
N VAL A 555 -22.45 -2.92 -2.61
CA VAL A 555 -22.89 -2.14 -1.47
C VAL A 555 -24.08 -1.31 -1.90
N PRO A 556 -25.23 -1.50 -1.28
CA PRO A 556 -26.45 -0.77 -1.68
C PRO A 556 -26.30 0.71 -1.39
N PRO A 557 -26.74 1.56 -2.33
CA PRO A 557 -26.75 3.01 -2.07
C PRO A 557 -27.51 3.36 -0.80
N ASP A 558 -26.94 4.27 -0.02
CA ASP A 558 -27.53 4.77 1.21
C ASP A 558 -28.09 6.18 1.05
N ASN A 559 -27.96 6.76 -0.15
CA ASN A 559 -28.45 8.09 -0.46
C ASN A 559 -29.83 7.92 -1.10
N LEU A 560 -30.85 7.81 -0.25
CA LEU A 560 -32.22 7.50 -0.67
C LEU A 560 -33.21 8.55 -0.16
OAC NXL B . -3.31 19.75 4.94
CAN NXL B . -3.93 20.63 5.53
N NXL B . -3.66 21.94 5.51
CAJ NXL B . -4.52 22.90 6.27
CA NXL B . -2.59 22.46 4.63
C NXL B . -1.69 23.38 5.24
O NXL B . -1.65 23.71 6.46
NAA NXL B . -0.81 23.92 4.37
CB NXL B . -3.36 23.01 3.41
CAH NXL B . -4.42 24.04 3.90
CAO NXL B . -5.28 23.55 5.14
NAK NXL B . -6.35 22.65 4.70
OAL NXL B . -6.83 22.71 3.33
SAR NXL B . -7.34 21.50 2.53
OAD NXL B . -8.73 21.21 3.01
OAE NXL B . -6.43 20.35 2.97
OAG NXL B . -7.19 21.64 1.00
#